data_7L9R
#
_entry.id   7L9R
#
_cell.length_a   85.900
_cell.length_b   85.900
_cell.length_c   424.520
_cell.angle_alpha   90.000
_cell.angle_beta   90.000
_cell.angle_gamma   120.000
#
_symmetry.space_group_name_H-M   'P 65 2 2'
#
loop_
_entity.id
_entity.type
_entity.pdbx_description
1 polymer 'Deoxyhypusine synthase, putative'
2 non-polymer 'CHLORIDE ION'
3 water water
#
_entity_poly.entity_id   1
_entity_poly.type   'polypeptide(L)'
_entity_poly.pdbx_seq_one_letter_code
;MAHHHHHHMGTLEAQTQGPGSMTTTIKGYDFDKGINYEELVNSYLTTGIQSSNVGRAINIINKMLTWQPSEEEKKEYVEG
DERLKRCTIYLGFTSEMMTSGLRDTFRYLVEHKCVDYIVTTAGAIETDIMKCFGNMNIGDFYMKPEEVQGERHGNMIIPK
ELIEKTKQWLKEFILDIQECQDTSMPFTPSQLITMMGERLNDTTSVITWAAKNNITIFCPALTDGLFGTCITELNEINPV
RLMVDLVQDLRLINSSTIHSVETGVIILGGGVMKHHIMNANLMRNEADFAVYINTAGDFDGSDASARPDEAVSWGKIKID
SENVKVLAEASLVFPLIVSKTFAVTKRFDGKI
;
_entity_poly.pdbx_strand_id   A,B
#
# COMPACT_ATOMS: atom_id res chain seq x y z
N ILE A 26 29.92 -17.91 25.96
CA ILE A 26 30.63 -18.17 24.71
C ILE A 26 31.23 -16.87 24.18
N LYS A 27 32.40 -16.98 23.56
CA LYS A 27 33.12 -15.83 23.03
C LYS A 27 32.80 -15.63 21.54
N GLY A 28 32.97 -14.39 21.08
CA GLY A 28 32.84 -14.07 19.68
C GLY A 28 34.08 -14.49 18.90
N TYR A 29 34.05 -14.22 17.59
CA TYR A 29 35.10 -14.73 16.71
C TYR A 29 36.49 -14.19 17.09
N ASP A 30 37.47 -15.09 17.15
CA ASP A 30 38.85 -14.73 17.50
C ASP A 30 39.69 -14.59 16.23
N PHE A 31 40.00 -13.34 15.87
CA PHE A 31 40.80 -13.09 14.66
C PHE A 31 42.26 -13.50 14.82
N ASP A 32 42.71 -13.89 16.01
CA ASP A 32 44.03 -14.52 16.16
C ASP A 32 44.10 -15.86 15.43
N LYS A 33 42.96 -16.49 15.17
CA LYS A 33 42.87 -17.75 14.44
C LYS A 33 42.99 -17.58 12.93
N GLY A 34 43.06 -16.35 12.42
CA GLY A 34 42.99 -16.10 11.00
C GLY A 34 41.58 -15.69 10.58
N ILE A 35 41.33 -15.78 9.28
CA ILE A 35 40.05 -15.37 8.72
C ILE A 35 39.37 -16.61 8.17
N ASN A 36 38.36 -17.09 8.88
CA ASN A 36 37.61 -18.30 8.55
C ASN A 36 36.14 -17.88 8.48
N TYR A 37 35.65 -17.73 7.25
CA TYR A 37 34.33 -17.12 7.05
C TYR A 37 33.21 -18.02 7.53
N GLU A 38 33.39 -19.34 7.49
CA GLU A 38 32.37 -20.19 8.09
C GLU A 38 32.32 -19.97 9.60
N GLU A 39 33.48 -19.85 10.25
CA GLU A 39 33.52 -19.58 11.68
C GLU A 39 33.00 -18.18 12.00
N LEU A 40 33.27 -17.20 11.14
CA LEU A 40 32.70 -15.87 11.34
C LEU A 40 31.17 -15.91 11.32
N VAL A 41 30.60 -16.66 10.38
CA VAL A 41 29.14 -16.77 10.28
C VAL A 41 28.58 -17.49 11.50
N ASN A 42 29.17 -18.63 11.87
CA ASN A 42 28.68 -19.35 13.03
C ASN A 42 28.86 -18.54 14.31
N SER A 43 29.97 -17.80 14.41
CA SER A 43 30.20 -16.96 15.58
C SER A 43 29.14 -15.88 15.70
N TYR A 44 28.69 -15.34 14.58
CA TYR A 44 27.59 -14.38 14.62
C TYR A 44 26.30 -15.03 15.13
N LEU A 45 26.03 -16.27 14.70
CA LEU A 45 24.80 -16.93 15.10
C LEU A 45 24.74 -17.23 16.60
N THR A 46 25.88 -17.18 17.29
CA THR A 46 25.94 -17.51 18.71
C THR A 46 26.36 -16.37 19.61
N THR A 47 26.80 -15.24 19.05
CA THR A 47 27.28 -14.14 19.89
C THR A 47 26.82 -12.76 19.41
N GLY A 48 26.31 -12.63 18.20
CA GLY A 48 25.91 -11.33 17.71
C GLY A 48 24.65 -10.79 18.41
N ILE A 49 24.40 -9.51 18.15
CA ILE A 49 23.14 -8.91 18.55
C ILE A 49 22.02 -9.52 17.72
N GLN A 50 20.95 -9.97 18.38
CA GLN A 50 19.80 -10.67 17.79
C GLN A 50 20.12 -12.10 17.36
N SER A 51 21.21 -12.70 17.87
CA SER A 51 21.54 -14.05 17.42
C SER A 51 20.52 -15.08 17.90
N SER A 52 19.99 -14.90 19.11
CA SER A 52 19.01 -15.86 19.61
C SER A 52 17.75 -15.87 18.75
N ASN A 53 17.35 -14.70 18.24
CA ASN A 53 16.19 -14.62 17.37
C ASN A 53 16.46 -15.24 16.01
N VAL A 54 17.68 -15.06 15.49
CA VAL A 54 18.05 -15.70 14.23
C VAL A 54 18.03 -17.21 14.36
N GLY A 55 18.48 -17.73 15.50
CA GLY A 55 18.48 -19.17 15.70
C GLY A 55 17.09 -19.75 15.77
N ARG A 56 16.15 -19.02 16.38
CA ARG A 56 14.75 -19.46 16.40
CA ARG A 56 14.78 -19.48 16.39
C ARG A 56 14.17 -19.44 15.00
N ALA A 57 14.47 -18.39 14.22
CA ALA A 57 14.00 -18.32 12.85
C ALA A 57 14.44 -19.54 12.04
N ILE A 58 15.69 -19.98 12.22
CA ILE A 58 16.19 -21.15 11.51
C ILE A 58 15.44 -22.39 11.94
N ASN A 59 15.23 -22.56 13.25
CA ASN A 59 14.47 -23.72 13.74
C ASN A 59 13.04 -23.72 13.23
N ILE A 60 12.39 -22.56 13.21
CA ILE A 60 10.98 -22.50 12.82
C ILE A 60 10.83 -22.78 11.33
N ILE A 61 11.74 -22.25 10.51
CA ILE A 61 11.65 -22.48 9.07
C ILE A 61 11.88 -23.96 8.74
N ASN A 62 12.85 -24.58 9.39
CA ASN A 62 13.05 -26.01 9.19
C ASN A 62 11.84 -26.82 9.65
N LYS A 63 11.13 -26.36 10.68
CA LYS A 63 9.90 -27.03 11.07
C LYS A 63 8.85 -26.93 9.97
N MET A 64 8.79 -25.80 9.26
CA MET A 64 7.88 -25.69 8.12
C MET A 64 8.22 -26.74 7.07
N LEU A 65 9.51 -26.88 6.74
CA LEU A 65 9.93 -27.75 5.65
C LEU A 65 9.75 -29.22 5.99
N THR A 66 9.92 -29.60 7.25
CA THR A 66 9.87 -31.00 7.65
C THR A 66 8.53 -31.42 8.25
N TRP A 67 7.57 -30.50 8.42
CA TRP A 67 6.34 -30.83 9.12
C TRP A 67 5.59 -31.96 8.44
N GLN A 68 5.05 -32.87 9.23
CA GLN A 68 4.25 -33.99 8.77
C GLN A 68 3.05 -34.16 9.70
N PRO A 69 1.92 -34.65 9.18
CA PRO A 69 0.77 -34.91 10.04
C PRO A 69 1.03 -36.05 11.00
N SER A 70 0.49 -35.92 12.21
CA SER A 70 0.56 -37.01 13.16
C SER A 70 -0.41 -38.12 12.74
N GLU A 71 -0.26 -39.29 13.36
CA GLU A 71 -1.18 -40.39 13.09
C GLU A 71 -2.61 -40.00 13.45
N GLU A 72 -2.78 -39.24 14.53
CA GLU A 72 -4.11 -38.76 14.90
C GLU A 72 -4.64 -37.78 13.85
N GLU A 73 -3.77 -36.95 13.28
CA GLU A 73 -4.20 -36.01 12.26
C GLU A 73 -4.52 -36.71 10.95
N LYS A 74 -3.73 -37.73 10.58
CA LYS A 74 -3.96 -38.45 9.34
C LYS A 74 -5.30 -39.17 9.34
N LYS A 75 -5.76 -39.61 10.52
CA LYS A 75 -7.05 -40.29 10.60
C LYS A 75 -8.20 -39.35 10.27
N GLU A 76 -8.03 -38.05 10.51
CA GLU A 76 -9.10 -37.09 10.29
C GLU A 76 -9.34 -36.77 8.82
N TYR A 77 -8.39 -37.10 7.94
CA TYR A 77 -8.55 -36.83 6.52
C TYR A 77 -9.61 -37.76 5.92
N VAL A 78 -10.52 -37.20 5.12
CA VAL A 78 -11.59 -37.98 4.51
C VAL A 78 -11.07 -38.62 3.22
N GLU A 79 -11.77 -39.66 2.79
CA GLU A 79 -11.46 -40.30 1.51
C GLU A 79 -11.70 -39.32 0.37
N GLY A 80 -10.77 -39.30 -0.58
CA GLY A 80 -10.84 -38.38 -1.69
C GLY A 80 -10.12 -37.05 -1.47
N ASP A 81 -9.63 -36.79 -0.26
CA ASP A 81 -8.80 -35.62 0.01
C ASP A 81 -7.41 -35.84 -0.56
N GLU A 82 -7.18 -35.31 -1.77
CA GLU A 82 -5.92 -35.53 -2.48
C GLU A 82 -4.90 -34.41 -2.25
N ARG A 83 -5.12 -33.55 -1.26
CA ARG A 83 -4.18 -32.48 -0.99
C ARG A 83 -2.85 -33.02 -0.49
N LEU A 84 -1.78 -32.27 -0.78
CA LEU A 84 -0.48 -32.56 -0.21
C LEU A 84 -0.53 -32.34 1.30
N LYS A 85 -0.20 -33.37 2.08
CA LYS A 85 -0.28 -33.28 3.53
C LYS A 85 1.05 -32.76 4.08
N ARG A 86 1.24 -31.45 3.93
CA ARG A 86 2.47 -30.80 4.37
C ARG A 86 2.16 -29.34 4.67
N CYS A 87 3.19 -28.59 5.06
CA CYS A 87 3.02 -27.18 5.39
C CYS A 87 3.08 -26.33 4.12
N THR A 88 2.05 -25.51 3.94
CA THR A 88 2.05 -24.48 2.90
C THR A 88 2.89 -23.30 3.37
N ILE A 89 3.76 -22.80 2.51
CA ILE A 89 4.75 -21.80 2.89
C ILE A 89 4.52 -20.52 2.10
N TYR A 90 4.36 -19.40 2.81
CA TYR A 90 4.14 -18.07 2.23
C TYR A 90 5.37 -17.21 2.46
N LEU A 91 5.86 -16.59 1.39
CA LEU A 91 7.02 -15.73 1.43
C LEU A 91 6.58 -14.31 1.08
N GLY A 92 6.78 -13.38 2.00
CA GLY A 92 6.49 -11.98 1.78
C GLY A 92 7.78 -11.17 1.81
N PHE A 93 7.91 -10.23 0.89
CA PHE A 93 9.04 -9.32 0.88
C PHE A 93 8.64 -8.04 0.17
N THR A 94 9.36 -6.97 0.49
CA THR A 94 9.11 -5.64 -0.06
C THR A 94 9.84 -5.45 -1.38
N SER A 95 9.39 -4.44 -2.12
CA SER A 95 10.07 -4.04 -3.34
C SER A 95 11.54 -3.69 -3.09
N GLU A 96 11.84 -3.17 -1.90
CA GLU A 96 13.23 -2.80 -1.59
C GLU A 96 14.13 -4.03 -1.57
N MET A 97 13.62 -5.16 -1.05
CA MET A 97 14.42 -6.38 -1.07
C MET A 97 14.74 -6.81 -2.49
N MET A 98 13.80 -6.61 -3.42
CA MET A 98 14.08 -7.01 -4.79
CA MET A 98 14.06 -6.98 -4.81
C MET A 98 15.21 -6.19 -5.39
N THR A 99 15.43 -4.97 -4.87
CA THR A 99 16.52 -4.12 -5.35
C THR A 99 17.88 -4.65 -4.92
N SER A 100 17.94 -5.33 -3.78
CA SER A 100 19.18 -5.92 -3.30
C SER A 100 19.43 -7.25 -3.98
N GLY A 101 20.54 -7.89 -3.61
CA GLY A 101 20.84 -9.21 -4.11
C GLY A 101 19.88 -10.29 -3.65
N LEU A 102 19.00 -9.98 -2.70
CA LEU A 102 17.99 -10.94 -2.25
C LEU A 102 17.12 -11.42 -3.41
N ARG A 103 16.99 -10.60 -4.47
CA ARG A 103 16.27 -11.03 -5.66
C ARG A 103 16.73 -12.39 -6.15
N ASP A 104 18.04 -12.64 -6.12
CA ASP A 104 18.54 -13.92 -6.60
C ASP A 104 18.37 -15.03 -5.57
N THR A 105 18.34 -14.68 -4.27
CA THR A 105 17.90 -15.63 -3.26
C THR A 105 16.46 -16.04 -3.49
N PHE A 106 15.57 -15.07 -3.74
CA PHE A 106 14.17 -15.37 -3.99
C PHE A 106 14.00 -16.25 -5.23
N ARG A 107 14.73 -15.93 -6.30
CA ARG A 107 14.65 -16.75 -7.50
CA ARG A 107 14.65 -16.75 -7.50
C ARG A 107 14.97 -18.20 -7.19
N TYR A 108 16.02 -18.44 -6.40
CA TYR A 108 16.40 -19.79 -6.01
C TYR A 108 15.27 -20.50 -5.28
N LEU A 109 14.66 -19.82 -4.29
CA LEU A 109 13.58 -20.44 -3.52
C LEU A 109 12.42 -20.84 -4.42
N VAL A 110 12.05 -20.00 -5.39
CA VAL A 110 10.96 -20.33 -6.29
CA VAL A 110 10.95 -20.37 -6.26
C VAL A 110 11.40 -21.38 -7.31
N GLU A 111 12.64 -21.26 -7.80
CA GLU A 111 13.15 -22.23 -8.76
C GLU A 111 13.06 -23.65 -8.22
N HIS A 112 13.27 -23.83 -6.92
CA HIS A 112 13.30 -25.15 -6.31
C HIS A 112 12.03 -25.46 -5.50
N LYS A 113 10.97 -24.69 -5.71
CA LYS A 113 9.67 -24.96 -5.09
C LYS A 113 9.78 -25.02 -3.56
N CYS A 114 10.64 -24.17 -3.00
CA CYS A 114 10.78 -24.06 -1.56
C CYS A 114 9.64 -23.32 -0.91
N VAL A 115 8.91 -22.49 -1.66
CA VAL A 115 7.76 -21.75 -1.16
C VAL A 115 6.60 -21.94 -2.14
N ASP A 116 5.40 -21.68 -1.64
CA ASP A 116 4.20 -21.93 -2.43
C ASP A 116 3.52 -20.66 -2.91
N TYR A 117 3.66 -19.57 -2.18
CA TYR A 117 3.01 -18.30 -2.51
C TYR A 117 3.93 -17.16 -2.13
N ILE A 118 3.82 -16.07 -2.88
CA ILE A 118 4.55 -14.85 -2.61
C ILE A 118 3.56 -13.71 -2.47
N VAL A 119 3.80 -12.84 -1.50
CA VAL A 119 3.11 -11.57 -1.37
C VAL A 119 4.18 -10.48 -1.41
N THR A 120 3.99 -9.48 -2.27
CA THR A 120 4.98 -8.42 -2.38
C THR A 120 4.28 -7.09 -2.67
N THR A 121 5.08 -6.05 -2.89
CA THR A 121 4.59 -4.68 -2.96
C THR A 121 4.95 -4.03 -4.30
N ALA A 122 4.43 -2.82 -4.48
CA ALA A 122 4.58 -2.08 -5.73
C ALA A 122 6.04 -1.87 -6.08
N GLY A 123 6.39 -2.18 -7.33
CA GLY A 123 7.72 -2.01 -7.84
C GLY A 123 8.56 -3.28 -7.87
N ALA A 124 8.17 -4.31 -7.10
CA ALA A 124 8.99 -5.52 -6.97
C ALA A 124 9.07 -6.27 -8.29
N ILE A 125 7.92 -6.45 -8.95
CA ILE A 125 7.88 -7.18 -10.22
C ILE A 125 8.70 -6.46 -11.27
N GLU A 126 8.60 -5.13 -11.33
CA GLU A 126 9.31 -4.39 -12.36
C GLU A 126 10.82 -4.43 -12.14
N THR A 127 11.26 -4.49 -10.88
CA THR A 127 12.68 -4.64 -10.60
C THR A 127 13.20 -5.99 -11.07
N ASP A 128 12.44 -7.06 -10.84
CA ASP A 128 12.85 -8.39 -11.30
C ASP A 128 12.99 -8.42 -12.82
N ILE A 129 12.07 -7.76 -13.53
CA ILE A 129 12.17 -7.65 -14.98
C ILE A 129 13.39 -6.83 -15.37
N MET A 130 13.57 -5.67 -14.74
CA MET A 130 14.64 -4.74 -15.10
C MET A 130 16.02 -5.39 -14.97
N LYS A 131 16.21 -6.23 -13.94
CA LYS A 131 17.49 -6.88 -13.74
C LYS A 131 17.82 -7.90 -14.82
N CYS A 132 16.85 -8.30 -15.64
CA CYS A 132 17.16 -9.17 -16.77
C CYS A 132 17.76 -8.41 -17.93
N PHE A 133 17.59 -7.08 -17.98
CA PHE A 133 18.06 -6.25 -19.08
C PHE A 133 19.39 -5.54 -18.80
N GLY A 134 19.65 -5.19 -17.55
CA GLY A 134 20.90 -4.51 -17.22
C GLY A 134 21.17 -4.60 -15.72
N ASN A 135 22.33 -4.12 -15.33
CA ASN A 135 22.79 -4.17 -13.94
C ASN A 135 22.64 -2.80 -13.30
N MET A 136 21.88 -2.74 -12.22
CA MET A 136 21.70 -1.50 -11.47
C MET A 136 22.89 -1.30 -10.53
N ASN A 137 23.63 -0.21 -10.73
CA ASN A 137 24.85 0.04 -9.96
C ASN A 137 24.54 0.70 -8.62
N ILE A 157 20.81 4.21 -8.41
CA ILE A 157 21.67 4.35 -9.57
C ILE A 157 21.23 3.41 -10.70
N ILE A 158 20.18 3.79 -11.41
CA ILE A 158 19.64 2.99 -12.51
C ILE A 158 19.88 3.74 -13.82
N PRO A 159 20.53 3.13 -14.80
CA PRO A 159 20.76 3.81 -16.09
C PRO A 159 19.46 4.21 -16.76
N LYS A 160 19.51 5.33 -17.49
CA LYS A 160 18.33 5.80 -18.20
C LYS A 160 17.83 4.78 -19.20
N GLU A 161 18.73 4.24 -20.03
CA GLU A 161 18.32 3.29 -21.05
C GLU A 161 17.80 1.99 -20.45
N LEU A 162 18.12 1.71 -19.20
CA LEU A 162 17.62 0.50 -18.56
C LEU A 162 16.15 0.66 -18.15
N ILE A 163 15.77 1.84 -17.67
CA ILE A 163 14.36 2.10 -17.39
C ILE A 163 13.56 2.12 -18.69
N GLU A 164 14.10 2.77 -19.72
CA GLU A 164 13.41 2.87 -21.00
C GLU A 164 13.14 1.48 -21.58
N LYS A 165 14.15 0.60 -21.57
CA LYS A 165 13.94 -0.76 -22.07
C LYS A 165 12.87 -1.46 -21.25
N THR A 166 12.88 -1.30 -19.93
CA THR A 166 11.89 -1.94 -19.10
C THR A 166 10.50 -1.37 -19.35
N LYS A 167 10.40 -0.05 -19.46
CA LYS A 167 9.10 0.56 -19.74
C LYS A 167 8.56 0.10 -21.09
N GLN A 168 9.44 -0.02 -22.09
CA GLN A 168 9.01 -0.48 -23.41
C GLN A 168 8.44 -1.89 -23.34
N TRP A 169 9.13 -2.78 -22.63
CA TRP A 169 8.62 -4.15 -22.46
C TRP A 169 7.26 -4.14 -21.77
N LEU A 170 7.15 -3.43 -20.64
CA LEU A 170 5.87 -3.36 -19.94
C LEU A 170 4.77 -2.79 -20.82
N LYS A 171 5.09 -1.76 -21.61
CA LYS A 171 4.06 -1.12 -22.43
C LYS A 171 3.58 -2.06 -23.52
N GLU A 172 4.48 -2.82 -24.14
CA GLU A 172 4.06 -3.80 -25.14
C GLU A 172 3.19 -4.88 -24.50
N PHE A 173 3.52 -5.28 -23.27
CA PHE A 173 2.71 -6.26 -22.57
C PHE A 173 1.32 -5.72 -22.29
N ILE A 174 1.22 -4.46 -21.82
CA ILE A 174 -0.07 -3.88 -21.48
C ILE A 174 -0.99 -3.81 -22.70
N LEU A 175 -0.45 -3.39 -23.85
CA LEU A 175 -1.29 -3.27 -25.03
C LEU A 175 -1.72 -4.64 -25.53
N ASP A 176 -0.87 -5.65 -25.38
CA ASP A 176 -1.22 -6.99 -25.81
C ASP A 176 -2.33 -7.58 -24.93
N ILE A 177 -2.22 -7.40 -23.61
CA ILE A 177 -3.20 -7.92 -22.68
C ILE A 177 -4.57 -7.26 -22.87
N GLN A 178 -4.58 -5.97 -23.23
CA GLN A 178 -5.85 -5.29 -23.48
C GLN A 178 -6.66 -6.03 -24.54
N GLU A 179 -5.99 -6.54 -25.58
CA GLU A 179 -6.69 -7.11 -26.71
C GLU A 179 -7.38 -8.41 -26.35
N CYS A 180 -6.77 -9.21 -25.47
CA CYS A 180 -7.31 -10.52 -25.15
C CYS A 180 -8.07 -10.55 -23.82
N GLN A 181 -8.11 -9.46 -23.07
CA GLN A 181 -8.79 -9.51 -21.79
C GLN A 181 -10.30 -9.66 -21.98
N ASP A 182 -10.91 -10.38 -21.05
CA ASP A 182 -12.36 -10.51 -20.98
C ASP A 182 -12.87 -9.45 -20.02
N THR A 183 -13.78 -8.60 -20.48
CA THR A 183 -14.15 -7.49 -19.61
C THR A 183 -15.14 -7.90 -18.53
N SER A 184 -15.77 -9.07 -18.64
CA SER A 184 -16.61 -9.59 -17.57
C SER A 184 -15.79 -10.33 -16.52
N MET A 185 -14.57 -10.75 -16.88
CA MET A 185 -13.62 -11.35 -15.95
C MET A 185 -12.25 -10.71 -16.16
N PRO A 186 -12.03 -9.48 -15.71
CA PRO A 186 -10.75 -8.84 -15.95
C PRO A 186 -9.64 -9.61 -15.23
N PHE A 187 -8.42 -9.48 -15.74
CA PHE A 187 -7.33 -10.19 -15.08
C PHE A 187 -7.01 -9.53 -13.75
N THR A 188 -6.47 -10.34 -12.85
CA THR A 188 -6.01 -9.93 -11.54
C THR A 188 -4.51 -9.67 -11.57
N PRO A 189 -3.96 -9.00 -10.56
CA PRO A 189 -2.51 -8.80 -10.55
C PRO A 189 -1.72 -10.09 -10.64
N SER A 190 -2.12 -11.12 -9.88
CA SER A 190 -1.40 -12.39 -9.90
C SER A 190 -1.47 -13.05 -11.28
N GLN A 191 -2.61 -12.94 -11.96
CA GLN A 191 -2.70 -13.47 -13.31
C GLN A 191 -1.80 -12.69 -14.27
N LEU A 192 -1.76 -11.36 -14.14
CA LEU A 192 -0.84 -10.58 -14.96
C LEU A 192 0.60 -10.95 -14.69
N ILE A 193 0.95 -11.23 -13.43
CA ILE A 193 2.32 -11.55 -13.08
C ILE A 193 2.71 -12.93 -13.60
N THR A 194 1.77 -13.88 -13.56
CA THR A 194 1.99 -15.17 -14.19
C THR A 194 2.29 -15.01 -15.67
N MET A 195 1.47 -14.22 -16.36
CA MET A 195 1.65 -14.04 -17.80
CA MET A 195 1.64 -14.02 -17.80
C MET A 195 2.95 -13.30 -18.11
N MET A 196 3.32 -12.31 -17.29
CA MET A 196 4.58 -11.62 -17.50
C MET A 196 5.77 -12.58 -17.33
N GLY A 197 5.72 -13.44 -16.31
CA GLY A 197 6.78 -14.41 -16.13
C GLY A 197 6.96 -15.33 -17.33
N GLU A 198 5.84 -15.82 -17.88
CA GLU A 198 5.92 -16.65 -19.07
C GLU A 198 6.43 -15.87 -20.27
N ARG A 199 6.02 -14.61 -20.39
CA ARG A 199 6.47 -13.80 -21.53
C ARG A 199 7.96 -13.46 -21.41
N LEU A 200 8.42 -13.16 -20.20
CA LEU A 200 9.82 -12.77 -20.00
C LEU A 200 10.75 -13.94 -20.32
N ASN A 201 10.43 -15.13 -19.81
CA ASN A 201 11.12 -16.37 -20.14
C ASN A 201 12.63 -16.25 -19.92
N ASP A 202 13.00 -15.77 -18.73
CA ASP A 202 14.39 -15.56 -18.33
C ASP A 202 14.63 -16.33 -17.05
N THR A 203 15.55 -17.30 -17.08
CA THR A 203 15.74 -18.14 -15.91
C THR A 203 16.53 -17.46 -14.80
N THR A 204 16.91 -16.20 -14.95
CA THR A 204 17.44 -15.45 -13.82
C THR A 204 16.36 -14.74 -13.02
N SER A 205 15.12 -14.72 -13.51
CA SER A 205 14.08 -13.93 -12.88
C SER A 205 13.21 -14.76 -11.95
N VAL A 206 12.73 -14.10 -10.90
CA VAL A 206 11.79 -14.71 -9.97
C VAL A 206 10.49 -15.05 -10.68
N ILE A 207 9.96 -14.13 -11.50
CA ILE A 207 8.61 -14.32 -12.02
C ILE A 207 8.57 -15.42 -13.07
N THR A 208 9.65 -15.63 -13.82
CA THR A 208 9.63 -16.72 -14.78
C THR A 208 9.56 -18.07 -14.06
N TRP A 209 10.35 -18.23 -12.99
CA TRP A 209 10.32 -19.51 -12.29
C TRP A 209 9.03 -19.69 -11.51
N ALA A 210 8.42 -18.60 -11.05
CA ALA A 210 7.14 -18.72 -10.37
C ALA A 210 6.05 -19.20 -11.32
N ALA A 211 6.07 -18.71 -12.56
CA ALA A 211 5.11 -19.19 -13.55
C ALA A 211 5.37 -20.65 -13.91
N LYS A 212 6.64 -21.03 -14.07
CA LYS A 212 6.97 -22.42 -14.38
C LYS A 212 6.49 -23.37 -13.28
N ASN A 213 6.70 -23.00 -12.02
CA ASN A 213 6.39 -23.88 -10.91
C ASN A 213 5.06 -23.57 -10.23
N ASN A 214 4.19 -22.80 -10.88
CA ASN A 214 2.84 -22.54 -10.40
C ASN A 214 2.87 -22.01 -8.98
N ILE A 215 3.75 -21.04 -8.75
CA ILE A 215 3.81 -20.31 -7.49
C ILE A 215 3.15 -18.96 -7.75
N THR A 216 2.02 -18.71 -7.09
CA THR A 216 1.24 -17.51 -7.33
C THR A 216 1.84 -16.33 -6.58
N ILE A 217 1.95 -15.19 -7.24
CA ILE A 217 2.52 -13.98 -6.66
C ILE A 217 1.41 -12.94 -6.54
N PHE A 218 1.08 -12.56 -5.31
CA PHE A 218 0.09 -11.52 -5.06
C PHE A 218 0.76 -10.17 -4.91
N CYS A 219 0.17 -9.16 -5.53
CA CYS A 219 0.68 -7.79 -5.47
C CYS A 219 -0.48 -6.84 -5.73
N PRO A 220 -1.33 -6.59 -4.73
CA PRO A 220 -2.50 -5.72 -4.97
C PRO A 220 -2.14 -4.33 -5.45
N ALA A 221 -0.96 -3.83 -5.06
CA ALA A 221 -0.54 -2.49 -5.45
C ALA A 221 0.29 -2.48 -6.74
N LEU A 222 0.14 -3.51 -7.59
CA LEU A 222 0.88 -3.57 -8.84
C LEU A 222 0.77 -2.28 -9.65
N THR A 223 -0.42 -1.69 -9.72
CA THR A 223 -0.61 -0.49 -10.53
C THR A 223 -0.06 0.78 -9.87
N ASP A 224 0.42 0.69 -8.64
CA ASP A 224 1.03 1.83 -7.96
CA ASP A 224 1.01 1.85 -7.98
C ASP A 224 2.52 1.97 -8.25
N GLY A 225 3.13 1.02 -8.94
CA GLY A 225 4.53 1.07 -9.29
C GLY A 225 4.76 1.44 -10.75
N LEU A 226 5.94 1.08 -11.26
CA LEU A 226 6.30 1.43 -12.64
C LEU A 226 5.28 0.91 -13.64
N PHE A 227 4.67 -0.25 -13.35
CA PHE A 227 3.59 -0.76 -14.19
C PHE A 227 2.52 0.30 -14.42
N GLY A 228 2.13 1.00 -13.35
CA GLY A 228 1.10 2.03 -13.48
C GLY A 228 1.60 3.27 -14.20
N THR A 229 2.87 3.63 -13.98
CA THR A 229 3.49 4.71 -14.75
C THR A 229 3.38 4.45 -16.24
N CYS A 230 3.61 3.20 -16.66
CA CYS A 230 3.48 2.85 -18.07
C CYS A 230 2.04 2.96 -18.54
N ILE A 231 1.09 2.62 -17.66
CA ILE A 231 -0.32 2.82 -17.99
C ILE A 231 -0.61 4.29 -18.21
N THR A 232 -0.10 5.16 -17.32
CA THR A 232 -0.36 6.59 -17.44
C THR A 232 0.23 7.17 -18.72
N GLU A 233 1.46 6.79 -19.05
CA GLU A 233 2.09 7.32 -20.26
C GLU A 233 1.37 6.81 -21.51
N LEU A 234 0.99 5.53 -21.50
CA LEU A 234 0.23 4.97 -22.62
C LEU A 234 -1.10 5.69 -22.77
N ASN A 235 -1.72 6.06 -21.64
CA ASN A 235 -3.03 6.69 -21.66
C ASN A 235 -2.99 8.07 -22.31
N GLU A 236 -1.90 8.81 -22.17
CA GLU A 236 -1.80 10.13 -22.78
C GLU A 236 -1.76 10.08 -24.31
N ILE A 237 -1.45 8.93 -24.90
CA ILE A 237 -1.47 8.80 -26.36
C ILE A 237 -2.84 8.30 -26.75
N ASN A 238 -3.11 7.01 -26.50
CA ASN A 238 -4.40 6.42 -26.79
C ASN A 238 -4.95 5.87 -25.48
N PRO A 239 -6.14 6.30 -25.01
CA PRO A 239 -6.68 5.84 -23.71
C PRO A 239 -6.55 4.35 -23.45
N VAL A 240 -6.07 4.01 -22.26
CA VAL A 240 -5.80 2.62 -21.89
C VAL A 240 -7.08 1.95 -21.40
N ARG A 241 -7.41 0.81 -22.02
CA ARG A 241 -8.61 0.04 -21.68
C ARG A 241 -8.32 -1.12 -20.73
N LEU A 242 -7.07 -1.36 -20.37
CA LEU A 242 -6.75 -2.45 -19.46
C LEU A 242 -7.48 -2.29 -18.14
N MET A 243 -8.02 -3.38 -17.62
CA MET A 243 -8.63 -3.41 -16.30
C MET A 243 -7.93 -4.45 -15.43
N VAL A 244 -7.86 -4.16 -14.14
CA VAL A 244 -7.18 -5.02 -13.17
C VAL A 244 -8.15 -5.24 -12.01
N ASP A 245 -8.61 -6.48 -11.84
CA ASP A 245 -9.54 -6.81 -10.76
C ASP A 245 -8.80 -7.30 -9.52
N LEU A 246 -9.23 -6.80 -8.35
CA LEU A 246 -8.62 -7.16 -7.07
C LEU A 246 -9.44 -8.16 -6.27
N VAL A 247 -10.74 -8.32 -6.58
CA VAL A 247 -11.56 -9.20 -5.76
C VAL A 247 -11.19 -10.66 -5.96
N GLN A 248 -10.92 -11.05 -7.20
CA GLN A 248 -10.60 -12.44 -7.48
C GLN A 248 -9.30 -12.86 -6.78
N ASP A 249 -8.31 -11.97 -6.72
CA ASP A 249 -7.10 -12.29 -5.98
C ASP A 249 -7.38 -12.41 -4.49
N LEU A 250 -8.26 -11.55 -3.97
CA LEU A 250 -8.68 -11.68 -2.59
C LEU A 250 -9.28 -13.06 -2.35
N ARG A 251 -10.09 -13.54 -3.29
CA ARG A 251 -10.65 -14.89 -3.19
CA ARG A 251 -10.66 -14.89 -3.21
C ARG A 251 -9.56 -15.94 -3.27
N LEU A 252 -8.61 -15.77 -4.20
CA LEU A 252 -7.55 -16.77 -4.42
C LEU A 252 -6.70 -16.95 -3.16
N ILE A 253 -6.23 -15.85 -2.58
CA ILE A 253 -5.32 -15.96 -1.44
C ILE A 253 -6.06 -16.52 -0.23
N ASN A 254 -7.34 -16.19 -0.05
CA ASN A 254 -8.11 -16.71 1.08
C ASN A 254 -8.41 -18.19 0.92
N SER A 255 -8.66 -18.64 -0.31
CA SER A 255 -8.84 -20.07 -0.55
C SER A 255 -7.58 -20.85 -0.22
N SER A 256 -6.40 -20.27 -0.51
CA SER A 256 -5.15 -20.99 -0.28
C SER A 256 -4.89 -21.21 1.21
N THR A 257 -5.21 -20.22 2.06
CA THR A 257 -5.02 -20.42 3.49
C THR A 257 -6.08 -21.36 4.06
N ILE A 258 -7.33 -21.21 3.64
CA ILE A 258 -8.41 -22.05 4.16
C ILE A 258 -8.13 -23.52 3.84
N HIS A 259 -7.66 -23.80 2.64
CA HIS A 259 -7.54 -25.18 2.17
C HIS A 259 -6.20 -25.81 2.46
N SER A 260 -5.29 -25.11 3.14
CA SER A 260 -4.00 -25.71 3.43
C SER A 260 -4.06 -26.43 4.77
N VAL A 261 -3.35 -27.56 4.84
CA VAL A 261 -3.32 -28.40 6.03
C VAL A 261 -2.59 -27.72 7.19
N GLU A 262 -1.50 -27.02 6.86
CA GLU A 262 -0.64 -26.35 7.82
C GLU A 262 -0.01 -25.17 7.11
N THR A 263 0.15 -24.03 7.80
CA THR A 263 0.64 -22.82 7.15
C THR A 263 1.93 -22.33 7.78
N GLY A 264 2.85 -21.89 6.94
CA GLY A 264 4.04 -21.18 7.39
C GLY A 264 4.17 -19.88 6.65
N VAL A 265 4.65 -18.86 7.36
CA VAL A 265 4.73 -17.50 6.83
C VAL A 265 6.13 -16.94 7.12
N ILE A 266 6.75 -16.36 6.11
CA ILE A 266 8.05 -15.70 6.24
C ILE A 266 7.90 -14.31 5.63
N ILE A 267 8.10 -13.27 6.43
CA ILE A 267 7.88 -11.90 5.98
C ILE A 267 9.16 -11.09 6.23
N LEU A 268 9.69 -10.50 5.16
CA LEU A 268 10.89 -9.69 5.21
C LEU A 268 10.50 -8.24 4.93
N GLY A 269 10.80 -7.34 5.86
CA GLY A 269 10.47 -5.94 5.70
C GLY A 269 9.11 -5.60 6.28
N GLY A 270 8.79 -4.32 6.31
CA GLY A 270 7.55 -3.83 6.89
C GLY A 270 6.54 -3.41 5.83
N GLY A 271 5.27 -3.72 6.06
CA GLY A 271 4.19 -3.27 5.19
C GLY A 271 3.70 -4.25 4.13
N VAL A 272 3.98 -5.55 4.28
CA VAL A 272 3.70 -6.53 3.23
C VAL A 272 2.26 -7.06 3.26
N MET A 273 1.95 -7.99 4.18
CA MET A 273 0.64 -8.64 4.15
C MET A 273 -0.05 -8.59 5.51
N LYS A 274 -1.38 -8.72 5.46
CA LYS A 274 -2.24 -8.70 6.63
C LYS A 274 -2.37 -10.09 7.25
N HIS A 275 -3.59 -10.45 7.62
CA HIS A 275 -3.91 -11.75 8.24
C HIS A 275 -3.02 -12.06 9.44
N GLU A 286 -4.13 -16.53 12.05
CA GLU A 286 -2.68 -16.51 12.09
C GLU A 286 -2.11 -17.85 11.61
N ALA A 287 -0.81 -17.88 11.36
CA ALA A 287 -0.14 -19.06 10.82
C ALA A 287 0.30 -20.01 11.94
N ASP A 288 0.55 -21.27 11.55
CA ASP A 288 1.13 -22.24 12.49
C ASP A 288 2.57 -21.89 12.82
N PHE A 289 3.34 -21.46 11.81
CA PHE A 289 4.73 -21.05 11.96
C PHE A 289 4.91 -19.68 11.28
N ALA A 290 5.65 -18.79 11.94
CA ALA A 290 5.82 -17.46 11.38
C ALA A 290 7.20 -16.92 11.72
N VAL A 291 7.86 -16.33 10.73
CA VAL A 291 9.14 -15.66 10.93
C VAL A 291 9.01 -14.27 10.34
N TYR A 292 9.28 -13.26 11.16
CA TYR A 292 9.21 -11.87 10.74
C TYR A 292 10.58 -11.25 10.90
N ILE A 293 11.07 -10.63 9.83
CA ILE A 293 12.39 -10.01 9.80
C ILE A 293 12.25 -8.60 9.24
N ASN A 294 12.59 -7.60 10.04
CA ASN A 294 12.70 -6.24 9.54
C ASN A 294 13.49 -5.41 10.54
N THR A 295 13.85 -4.19 10.12
CA THR A 295 14.60 -3.27 10.96
C THR A 295 13.69 -2.39 11.82
N ALA A 296 12.39 -2.39 11.57
CA ALA A 296 11.45 -1.64 12.38
C ALA A 296 11.27 -2.32 13.73
N ILE A 319 -3.16 -20.28 18.95
CA ILE A 319 -2.67 -20.20 20.33
C ILE A 319 -1.37 -21.01 20.45
N ASP A 320 -1.25 -22.08 19.67
CA ASP A 320 -0.04 -22.87 19.62
C ASP A 320 0.89 -22.46 18.48
N SER A 321 0.72 -21.25 17.96
CA SER A 321 1.60 -20.74 16.91
C SER A 321 3.03 -20.62 17.42
N GLU A 322 3.99 -20.94 16.56
CA GLU A 322 5.41 -20.82 16.86
C GLU A 322 5.99 -19.75 15.95
N ASN A 323 6.33 -18.59 16.53
CA ASN A 323 6.77 -17.46 15.73
C ASN A 323 7.88 -16.70 16.43
N VAL A 324 8.57 -15.87 15.65
CA VAL A 324 9.67 -15.04 16.16
C VAL A 324 9.77 -13.79 15.28
N LYS A 325 10.11 -12.66 15.90
CA LYS A 325 10.46 -11.45 15.19
C LYS A 325 11.96 -11.23 15.30
N VAL A 326 12.63 -11.06 14.17
CA VAL A 326 14.07 -10.83 14.12
C VAL A 326 14.30 -9.37 13.77
N LEU A 327 14.94 -8.64 14.68
CA LEU A 327 15.25 -7.23 14.44
C LEU A 327 16.61 -7.16 13.74
N ALA A 328 16.56 -7.29 12.42
CA ALA A 328 17.77 -7.32 11.61
C ALA A 328 17.43 -6.86 10.20
N GLU A 329 18.48 -6.60 9.43
CA GLU A 329 18.33 -6.25 8.03
C GLU A 329 18.33 -7.53 7.20
N ALA A 330 17.26 -7.74 6.42
CA ALA A 330 17.03 -9.04 5.81
C ALA A 330 18.11 -9.40 4.80
N SER A 331 18.57 -8.43 4.01
CA SER A 331 19.54 -8.76 2.96
C SER A 331 20.84 -9.27 3.55
N LEU A 332 21.08 -9.03 4.84
CA LEU A 332 22.26 -9.54 5.51
C LEU A 332 22.00 -10.89 6.18
N VAL A 333 20.94 -11.00 6.98
CA VAL A 333 20.73 -12.22 7.75
CA VAL A 333 20.71 -12.21 7.76
C VAL A 333 19.95 -13.27 6.96
N PHE A 334 19.06 -12.88 6.05
CA PHE A 334 18.27 -13.89 5.36
C PHE A 334 19.12 -14.88 4.55
N PRO A 335 20.14 -14.47 3.78
CA PRO A 335 20.98 -15.49 3.12
C PRO A 335 21.66 -16.43 4.11
N LEU A 336 22.06 -15.95 5.29
CA LEU A 336 22.61 -16.85 6.29
C LEU A 336 21.58 -17.87 6.72
N ILE A 337 20.33 -17.43 6.92
CA ILE A 337 19.25 -18.31 7.33
C ILE A 337 18.93 -19.33 6.24
N VAL A 338 18.90 -18.88 4.98
CA VAL A 338 18.66 -19.79 3.86
C VAL A 338 19.73 -20.89 3.83
N SER A 339 20.99 -20.52 4.08
CA SER A 339 22.06 -21.50 4.06
C SER A 339 21.89 -22.55 5.14
N LYS A 340 21.16 -22.24 6.22
CA LYS A 340 20.89 -23.17 7.31
C LYS A 340 19.51 -23.79 7.24
N THR A 341 18.71 -23.48 6.23
CA THR A 341 17.37 -24.04 6.12
C THR A 341 17.10 -24.56 4.72
N PHE A 342 16.61 -23.67 3.84
CA PHE A 342 16.17 -24.09 2.51
C PHE A 342 17.30 -24.77 1.72
N ALA A 343 18.55 -24.38 1.97
CA ALA A 343 19.62 -24.92 1.16
C ALA A 343 20.11 -26.29 1.65
N VAL A 344 19.74 -26.71 2.86
CA VAL A 344 20.21 -27.99 3.39
C VAL A 344 19.06 -28.92 3.81
N THR A 345 17.87 -28.41 4.11
CA THR A 345 16.80 -29.23 4.67
C THR A 345 15.88 -29.69 3.55
N LYS A 346 15.70 -31.00 3.43
CA LYS A 346 14.78 -31.53 2.43
C LYS A 346 13.34 -31.23 2.81
N ARG A 347 12.56 -30.73 1.86
CA ARG A 347 11.17 -30.40 2.11
C ARG A 347 10.30 -31.63 1.95
N PHE A 348 9.45 -31.90 2.95
CA PHE A 348 8.51 -33.01 2.87
C PHE A 348 7.59 -32.85 1.67
N ASP A 349 7.38 -33.95 0.94
CA ASP A 349 6.61 -33.89 -0.30
C ASP A 349 5.10 -33.95 -0.09
N GLY A 350 4.64 -34.21 1.14
CA GLY A 350 3.23 -34.24 1.44
C GLY A 350 2.51 -35.52 1.06
N LYS A 351 3.21 -36.49 0.48
CA LYS A 351 2.61 -37.76 0.08
C LYS A 351 2.62 -38.71 1.27
N ILE A 352 1.44 -39.05 1.76
CA ILE A 352 1.30 -39.92 2.92
C ILE A 352 0.61 -41.21 2.50
N ILE B 26 13.17 34.55 20.99
CA ILE B 26 11.84 34.60 21.58
C ILE B 26 11.69 33.54 22.67
N LYS B 27 10.94 33.87 23.72
CA LYS B 27 10.73 32.98 24.85
C LYS B 27 9.40 32.23 24.73
N GLY B 28 9.35 31.07 25.40
CA GLY B 28 8.14 30.26 25.46
C GLY B 28 7.13 30.83 26.45
N TYR B 29 5.99 30.15 26.55
CA TYR B 29 4.87 30.66 27.32
C TYR B 29 5.24 30.82 28.80
N ASP B 30 4.91 31.98 29.36
CA ASP B 30 5.19 32.28 30.76
C ASP B 30 3.93 32.03 31.57
N PHE B 31 3.91 30.94 32.34
CA PHE B 31 2.75 30.62 33.18
C PHE B 31 2.59 31.57 34.36
N ASP B 32 3.54 32.48 34.60
CA ASP B 32 3.30 33.54 35.58
C ASP B 32 2.15 34.45 35.18
N LYS B 33 1.80 34.51 33.89
CA LYS B 33 0.67 35.32 33.45
C LYS B 33 -0.68 34.67 33.72
N GLY B 34 -0.72 33.42 34.16
CA GLY B 34 -1.95 32.67 34.16
C GLY B 34 -2.05 31.74 32.97
N ILE B 35 -3.27 31.34 32.66
CA ILE B 35 -3.54 30.33 31.63
C ILE B 35 -4.32 30.95 30.48
N ASN B 36 -3.69 31.04 29.31
CA ASN B 36 -4.29 31.56 28.10
C ASN B 36 -4.03 30.53 27.00
N TYR B 37 -5.05 29.78 26.61
CA TYR B 37 -4.83 28.68 25.67
C TYR B 37 -4.51 29.16 24.26
N GLU B 38 -5.01 30.34 23.87
CA GLU B 38 -4.60 30.89 22.58
C GLU B 38 -3.12 31.25 22.57
N GLU B 39 -2.65 31.91 23.64
CA GLU B 39 -1.22 32.22 23.72
C GLU B 39 -0.39 30.96 23.87
N LEU B 40 -0.89 29.95 24.57
CA LEU B 40 -0.18 28.68 24.67
C LEU B 40 -0.01 28.04 23.30
N VAL B 41 -1.06 28.07 22.47
CA VAL B 41 -0.98 27.50 21.13
C VAL B 41 -0.01 28.30 20.27
N ASN B 42 -0.15 29.64 20.26
CA ASN B 42 0.75 30.47 19.48
C ASN B 42 2.19 30.35 19.97
N SER B 43 2.38 30.18 21.27
CA SER B 43 3.73 30.01 21.82
C SER B 43 4.40 28.76 21.26
N TYR B 44 3.63 27.68 21.08
CA TYR B 44 4.18 26.50 20.45
C TYR B 44 4.63 26.79 19.02
N LEU B 45 3.83 27.56 18.28
CA LEU B 45 4.14 27.84 16.88
C LEU B 45 5.41 28.66 16.70
N THR B 46 5.90 29.32 17.75
CA THR B 46 7.08 30.16 17.63
C THR B 46 8.27 29.71 18.47
N THR B 47 8.09 28.74 19.37
CA THR B 47 9.18 28.31 20.24
C THR B 47 9.27 26.79 20.42
N GLY B 48 8.26 26.03 20.04
CA GLY B 48 8.30 24.60 20.23
C GLY B 48 9.33 23.94 19.32
N ILE B 49 9.57 22.65 19.59
CA ILE B 49 10.36 21.83 18.70
C ILE B 49 9.59 21.66 17.39
N GLN B 50 10.28 21.91 16.26
CA GLN B 50 9.70 21.89 14.91
C GLN B 50 8.80 23.09 14.61
N SER B 51 8.88 24.18 15.38
CA SER B 51 7.97 25.29 15.14
C SER B 51 8.26 25.98 13.81
N SER B 52 9.54 26.06 13.43
CA SER B 52 9.87 26.71 12.16
C SER B 52 9.26 25.94 10.98
N ASN B 53 9.24 24.62 11.06
CA ASN B 53 8.63 23.82 10.00
C ASN B 53 7.11 23.95 10.00
N VAL B 54 6.50 24.03 11.18
CA VAL B 54 5.05 24.23 11.26
C VAL B 54 4.67 25.57 10.64
N GLY B 55 5.50 26.59 10.86
CA GLY B 55 5.20 27.90 10.28
C GLY B 55 5.28 27.91 8.77
N ARG B 56 6.31 27.26 8.21
CA ARG B 56 6.40 27.12 6.75
CA ARG B 56 6.38 27.15 6.75
C ARG B 56 5.18 26.39 6.21
N ALA B 57 4.74 25.34 6.92
CA ALA B 57 3.56 24.60 6.48
C ALA B 57 2.33 25.49 6.41
N ILE B 58 2.16 26.36 7.42
CA ILE B 58 1.02 27.29 7.40
C ILE B 58 1.14 28.24 6.23
N ASN B 59 2.35 28.77 5.98
CA ASN B 59 2.53 29.68 4.86
C ASN B 59 2.26 29.00 3.53
N ILE B 60 2.72 27.75 3.37
CA ILE B 60 2.60 27.06 2.10
C ILE B 60 1.14 26.72 1.80
N ILE B 61 0.38 26.30 2.82
CA ILE B 61 -1.01 25.95 2.61
C ILE B 61 -1.82 27.18 2.23
N ASN B 62 -1.58 28.32 2.89
CA ASN B 62 -2.26 29.55 2.51
C ASN B 62 -1.91 29.96 1.09
N LYS B 63 -0.70 29.67 0.63
CA LYS B 63 -0.36 29.94 -0.76
C LYS B 63 -1.17 29.07 -1.71
N MET B 64 -1.45 27.81 -1.33
CA MET B 64 -2.33 26.98 -2.15
C MET B 64 -3.70 27.62 -2.29
N LEU B 65 -4.26 28.11 -1.18
CA LEU B 65 -5.62 28.62 -1.18
C LEU B 65 -5.73 29.94 -1.93
N THR B 66 -4.70 30.78 -1.89
CA THR B 66 -4.76 32.12 -2.47
C THR B 66 -4.12 32.24 -3.84
N TRP B 67 -3.55 31.15 -4.37
CA TRP B 67 -2.81 31.25 -5.63
C TRP B 67 -3.73 31.71 -6.76
N GLN B 68 -3.20 32.61 -7.60
CA GLN B 68 -3.89 33.13 -8.77
C GLN B 68 -2.90 33.17 -9.92
N PRO B 69 -3.37 33.03 -11.16
CA PRO B 69 -2.47 33.14 -12.30
C PRO B 69 -1.91 34.54 -12.41
N SER B 70 -0.64 34.65 -12.80
CA SER B 70 -0.06 35.94 -13.09
C SER B 70 -0.58 36.45 -14.42
N GLU B 71 -0.39 37.75 -14.66
CA GLU B 71 -0.83 38.33 -15.91
CA GLU B 71 -0.83 38.34 -15.92
C GLU B 71 -0.16 37.66 -17.10
N GLU B 72 1.11 37.28 -16.95
CA GLU B 72 1.80 36.55 -18.01
C GLU B 72 1.21 35.16 -18.18
N GLU B 73 0.81 34.52 -17.07
CA GLU B 73 0.21 33.19 -17.15
C GLU B 73 -1.18 33.23 -17.77
N LYS B 74 -1.96 34.27 -17.46
CA LYS B 74 -3.29 34.38 -18.03
C LYS B 74 -3.23 34.47 -19.55
N LYS B 75 -2.17 35.08 -20.09
CA LYS B 75 -2.03 35.18 -21.54
C LYS B 75 -1.81 33.82 -22.18
N GLU B 76 -1.21 32.87 -21.45
CA GLU B 76 -0.93 31.57 -22.02
C GLU B 76 -2.17 30.69 -22.15
N TYR B 77 -3.26 31.04 -21.45
CA TYR B 77 -4.48 30.24 -21.52
C TYR B 77 -5.15 30.43 -22.88
N VAL B 78 -5.56 29.32 -23.50
CA VAL B 78 -6.17 29.35 -24.82
C VAL B 78 -7.67 29.58 -24.69
N GLU B 79 -8.28 30.00 -25.80
CA GLU B 79 -9.73 30.12 -25.85
C GLU B 79 -10.37 28.74 -25.73
N GLY B 80 -11.41 28.65 -24.92
CA GLY B 80 -12.06 27.39 -24.65
C GLY B 80 -11.49 26.62 -23.48
N ASP B 81 -10.37 27.07 -22.91
CA ASP B 81 -9.84 26.47 -21.70
C ASP B 81 -10.71 26.92 -20.52
N GLU B 82 -11.71 26.12 -20.18
CA GLU B 82 -12.70 26.49 -19.18
C GLU B 82 -12.34 26.00 -17.79
N ARG B 83 -11.10 25.55 -17.58
CA ARG B 83 -10.70 25.06 -16.26
C ARG B 83 -10.70 26.20 -15.24
N LEU B 84 -10.95 25.84 -13.99
CA LEU B 84 -10.78 26.78 -12.89
C LEU B 84 -9.31 27.14 -12.77
N LYS B 85 -9.00 28.43 -12.85
CA LYS B 85 -7.61 28.88 -12.82
C LYS B 85 -7.20 29.11 -11.37
N ARG B 86 -6.92 28.00 -10.69
CA ARG B 86 -6.52 28.03 -9.28
C ARG B 86 -5.71 26.77 -9.00
N CYS B 87 -5.30 26.62 -7.74
CA CYS B 87 -4.52 25.47 -7.30
C CYS B 87 -5.45 24.33 -6.94
N THR B 88 -5.24 23.17 -7.56
CA THR B 88 -5.92 21.95 -7.17
C THR B 88 -5.24 21.40 -5.91
N ILE B 89 -6.03 20.98 -4.93
CA ILE B 89 -5.51 20.62 -3.62
C ILE B 89 -5.85 19.16 -3.32
N TYR B 90 -4.83 18.37 -3.02
CA TYR B 90 -4.95 16.94 -2.72
C TYR B 90 -4.67 16.73 -1.24
N LEU B 91 -5.57 16.02 -0.56
CA LEU B 91 -5.41 15.73 0.86
C LEU B 91 -5.24 14.23 1.05
N GLY B 92 -4.10 13.83 1.58
CA GLY B 92 -3.82 12.43 1.88
C GLY B 92 -3.71 12.23 3.38
N PHE B 93 -4.30 11.15 3.88
CA PHE B 93 -4.20 10.83 5.29
C PHE B 93 -4.37 9.33 5.47
N THR B 94 -3.86 8.83 6.59
CA THR B 94 -3.91 7.40 6.87
C THR B 94 -5.23 7.05 7.57
N SER B 95 -5.54 5.76 7.51
CA SER B 95 -6.67 5.22 8.26
C SER B 95 -6.54 5.52 9.75
N GLU B 96 -5.31 5.58 10.26
CA GLU B 96 -5.10 5.90 11.67
C GLU B 96 -5.59 7.30 12.02
N MET B 97 -5.39 8.27 11.12
CA MET B 97 -5.93 9.60 11.35
C MET B 97 -7.46 9.59 11.44
N MET B 98 -8.11 8.76 10.61
CA MET B 98 -9.57 8.68 10.63
CA MET B 98 -9.56 8.70 10.64
C MET B 98 -10.06 8.17 11.98
N THR B 99 -9.27 7.35 12.67
CA THR B 99 -9.64 6.86 13.99
C THR B 99 -9.57 7.95 15.04
N SER B 100 -8.69 8.93 14.84
CA SER B 100 -8.59 10.04 15.77
C SER B 100 -9.69 11.07 15.50
N GLY B 101 -9.70 12.13 16.29
CA GLY B 101 -10.62 13.22 16.05
C GLY B 101 -10.38 13.99 14.76
N LEU B 102 -9.26 13.73 14.09
CA LEU B 102 -9.01 14.37 12.80
C LEU B 102 -10.10 14.08 11.78
N ARG B 103 -10.81 12.95 11.95
CA ARG B 103 -11.94 12.62 11.08
C ARG B 103 -12.90 13.79 10.93
N ASP B 104 -13.16 14.50 12.03
CA ASP B 104 -14.12 15.59 11.98
C ASP B 104 -13.49 16.86 11.41
N THR B 105 -12.19 17.03 11.58
CA THR B 105 -11.48 18.06 10.83
C THR B 105 -11.58 17.80 9.32
N PHE B 106 -11.37 16.53 8.90
CA PHE B 106 -11.47 16.20 7.48
C PHE B 106 -12.88 16.44 6.97
N ARG B 107 -13.90 16.07 7.76
CA ARG B 107 -15.27 16.34 7.35
CA ARG B 107 -15.27 16.34 7.35
C ARG B 107 -15.48 17.83 7.08
N TYR B 108 -14.99 18.68 7.99
CA TYR B 108 -15.09 20.12 7.81
C TYR B 108 -14.42 20.58 6.51
N LEU B 109 -13.20 20.09 6.25
CA LEU B 109 -12.49 20.49 5.04
C LEU B 109 -13.27 20.12 3.77
N VAL B 110 -13.86 18.93 3.75
CA VAL B 110 -14.63 18.49 2.59
CA VAL B 110 -14.61 18.52 2.56
C VAL B 110 -15.97 19.20 2.52
N GLU B 111 -16.61 19.38 3.69
CA GLU B 111 -17.89 20.08 3.72
C GLU B 111 -17.79 21.47 3.10
N HIS B 112 -16.65 22.13 3.27
CA HIS B 112 -16.48 23.50 2.80
C HIS B 112 -15.64 23.59 1.53
N LYS B 113 -15.46 22.47 0.83
CA LYS B 113 -14.78 22.44 -0.47
C LYS B 113 -13.37 23.03 -0.39
N CYS B 114 -12.71 22.80 0.75
CA CYS B 114 -11.34 23.25 0.94
C CYS B 114 -10.33 22.43 0.18
N VAL B 115 -10.68 21.20 -0.20
CA VAL B 115 -9.81 20.33 -0.97
C VAL B 115 -10.61 19.74 -2.13
N ASP B 116 -9.88 19.26 -3.13
CA ASP B 116 -10.47 18.75 -4.35
C ASP B 116 -10.43 17.23 -4.47
N TYR B 117 -9.42 16.59 -3.88
CA TYR B 117 -9.26 15.15 -3.96
C TYR B 117 -8.69 14.65 -2.64
N ILE B 118 -9.04 13.42 -2.29
CA ILE B 118 -8.50 12.76 -1.12
C ILE B 118 -7.88 11.44 -1.55
N VAL B 119 -6.72 11.12 -0.95
CA VAL B 119 -6.12 9.80 -1.06
C VAL B 119 -5.99 9.26 0.35
N THR B 120 -6.44 8.03 0.56
CA THR B 120 -6.35 7.45 1.89
C THR B 120 -6.07 5.95 1.78
N THR B 121 -6.04 5.28 2.93
CA THR B 121 -5.55 3.91 3.02
C THR B 121 -6.64 2.98 3.54
N ALA B 122 -6.30 1.69 3.55
CA ALA B 122 -7.25 0.64 3.95
C ALA B 122 -7.76 0.88 5.37
N GLY B 123 -9.09 0.80 5.54
CA GLY B 123 -9.72 0.99 6.83
C GLY B 123 -10.31 2.36 7.05
N ALA B 124 -9.89 3.37 6.27
CA ALA B 124 -10.31 4.74 6.54
C ALA B 124 -11.80 4.92 6.29
N ILE B 125 -12.29 4.42 5.15
CA ILE B 125 -13.70 4.61 4.81
C ILE B 125 -14.60 3.90 5.83
N GLU B 126 -14.21 2.69 6.23
CA GLU B 126 -15.06 1.94 7.15
C GLU B 126 -15.09 2.57 8.53
N THR B 127 -13.99 3.22 8.93
CA THR B 127 -13.97 3.96 10.19
C THR B 127 -14.92 5.14 10.15
N ASP B 128 -14.95 5.88 9.03
CA ASP B 128 -15.85 7.02 8.89
C ASP B 128 -17.30 6.57 9.00
N ILE B 129 -17.63 5.44 8.36
CA ILE B 129 -18.97 4.84 8.46
C ILE B 129 -19.24 4.39 9.89
N MET B 130 -18.28 3.68 10.48
CA MET B 130 -18.46 3.11 11.82
C MET B 130 -18.78 4.19 12.85
N LYS B 131 -18.12 5.35 12.74
CA LYS B 131 -18.35 6.43 13.70
C LYS B 131 -19.74 7.04 13.59
N CYS B 132 -20.48 6.76 12.52
CA CYS B 132 -21.87 7.24 12.44
C CYS B 132 -22.82 6.38 13.27
N PHE B 133 -22.42 5.17 13.63
CA PHE B 133 -23.29 4.25 14.36
C PHE B 133 -23.03 4.24 15.86
N GLY B 134 -21.78 4.44 16.28
CA GLY B 134 -21.45 4.43 17.69
C GLY B 134 -20.11 5.09 17.91
N ASN B 135 -19.76 5.25 19.18
CA ASN B 135 -18.53 5.93 19.56
C ASN B 135 -17.49 4.89 19.98
N MET B 136 -16.34 4.90 19.32
CA MET B 136 -15.27 3.95 19.60
C MET B 136 -14.47 4.44 20.80
N ASN B 137 -14.45 3.64 21.86
CA ASN B 137 -13.78 4.02 23.11
C ASN B 137 -12.30 3.72 23.07
N ILE B 157 -10.03 -0.47 21.34
CA ILE B 157 -11.21 -0.77 22.13
C ILE B 157 -12.49 -0.43 21.35
N ILE B 158 -12.85 -1.31 20.44
CA ILE B 158 -14.05 -1.16 19.60
C ILE B 158 -15.06 -2.21 20.02
N PRO B 159 -16.29 -1.84 20.36
CA PRO B 159 -17.28 -2.85 20.77
C PRO B 159 -17.53 -3.85 19.66
N LYS B 160 -17.82 -5.09 20.06
CA LYS B 160 -18.10 -6.14 19.09
C LYS B 160 -19.28 -5.77 18.21
N GLU B 161 -20.39 -5.32 18.83
CA GLU B 161 -21.59 -4.99 18.08
C GLU B 161 -21.39 -3.79 17.15
N LEU B 162 -20.39 -2.94 17.40
CA LEU B 162 -20.16 -1.82 16.51
C LEU B 162 -19.51 -2.27 15.21
N ILE B 163 -18.58 -3.22 15.29
CA ILE B 163 -18.02 -3.80 14.08
C ILE B 163 -19.09 -4.59 13.34
N GLU B 164 -19.94 -5.32 14.07
CA GLU B 164 -20.97 -6.12 13.42
CA GLU B 164 -20.95 -6.12 13.41
C GLU B 164 -21.97 -5.25 12.69
N LYS B 165 -22.41 -4.15 13.32
CA LYS B 165 -23.31 -3.22 12.64
C LYS B 165 -22.65 -2.65 11.39
N THR B 166 -21.37 -2.31 11.47
CA THR B 166 -20.68 -1.79 10.29
C THR B 166 -20.56 -2.86 9.21
N LYS B 167 -20.22 -4.10 9.60
CA LYS B 167 -20.11 -5.19 8.64
C LYS B 167 -21.46 -5.47 7.98
N GLN B 168 -22.54 -5.46 8.77
CA GLN B 168 -23.86 -5.69 8.21
C GLN B 168 -24.21 -4.61 7.19
N TRP B 169 -23.93 -3.35 7.52
CA TRP B 169 -24.16 -2.25 6.58
C TRP B 169 -23.37 -2.46 5.29
N LEU B 170 -22.07 -2.73 5.42
CA LEU B 170 -21.24 -2.93 4.22
C LEU B 170 -21.75 -4.10 3.40
N LYS B 171 -22.18 -5.18 4.06
CA LYS B 171 -22.64 -6.34 3.33
C LYS B 171 -23.95 -6.06 2.60
N GLU B 172 -24.86 -5.32 3.24
CA GLU B 172 -26.10 -4.96 2.55
C GLU B 172 -25.81 -4.08 1.34
N PHE B 173 -24.84 -3.17 1.47
CA PHE B 173 -24.44 -2.35 0.33
C PHE B 173 -23.87 -3.20 -0.80
N ILE B 174 -23.00 -4.16 -0.45
CA ILE B 174 -22.41 -5.01 -1.48
C ILE B 174 -23.49 -5.82 -2.18
N LEU B 175 -24.45 -6.36 -1.42
CA LEU B 175 -25.52 -7.14 -2.01
C LEU B 175 -26.48 -6.27 -2.82
N ASP B 176 -26.70 -5.02 -2.41
CA ASP B 176 -27.58 -4.14 -3.17
C ASP B 176 -26.99 -3.83 -4.54
N ILE B 177 -25.67 -3.69 -4.63
CA ILE B 177 -25.06 -3.44 -5.93
C ILE B 177 -25.35 -4.59 -6.88
N GLN B 178 -25.24 -5.82 -6.38
CA GLN B 178 -25.50 -6.98 -7.23
C GLN B 178 -26.94 -7.02 -7.72
N GLU B 179 -27.90 -6.75 -6.83
CA GLU B 179 -29.31 -6.90 -7.19
C GLU B 179 -29.78 -5.80 -8.14
N CYS B 180 -29.33 -4.56 -7.92
CA CYS B 180 -29.82 -3.41 -8.68
C CYS B 180 -28.83 -2.96 -9.76
N GLN B 181 -27.61 -2.62 -9.38
CA GLN B 181 -26.59 -2.18 -10.33
C GLN B 181 -26.16 -3.34 -11.23
N ASP B 182 -25.59 -2.99 -12.39
CA ASP B 182 -25.11 -4.01 -13.31
C ASP B 182 -23.71 -4.46 -12.90
N THR B 183 -23.59 -5.75 -12.61
CA THR B 183 -22.40 -6.38 -12.08
C THR B 183 -21.42 -6.84 -13.15
N SER B 184 -21.80 -6.76 -14.43
CA SER B 184 -20.96 -7.22 -15.53
C SER B 184 -19.77 -6.31 -15.85
N MET B 185 -19.73 -5.10 -15.30
CA MET B 185 -18.59 -4.21 -15.49
C MET B 185 -18.10 -3.74 -14.12
N PRO B 186 -16.78 -3.81 -13.86
CA PRO B 186 -16.28 -3.49 -12.53
C PRO B 186 -16.41 -2.01 -12.15
N PHE B 187 -16.57 -1.80 -10.86
CA PHE B 187 -16.53 -0.51 -10.17
C PHE B 187 -15.10 -0.18 -9.76
N THR B 188 -14.83 1.11 -9.59
CA THR B 188 -13.55 1.50 -9.01
C THR B 188 -13.73 1.85 -7.54
N PRO B 189 -12.66 1.89 -6.76
CA PRO B 189 -12.82 2.30 -5.35
C PRO B 189 -13.47 3.66 -5.18
N SER B 190 -13.04 4.66 -5.96
CA SER B 190 -13.61 6.00 -5.80
C SER B 190 -15.10 6.00 -6.12
N GLN B 191 -15.52 5.20 -7.11
CA GLN B 191 -16.95 5.09 -7.40
C GLN B 191 -17.72 4.44 -6.26
N LEU B 192 -17.17 3.35 -5.71
CA LEU B 192 -17.82 2.70 -4.57
C LEU B 192 -17.93 3.64 -3.38
N ILE B 193 -16.91 4.46 -3.17
CA ILE B 193 -16.91 5.37 -2.03
C ILE B 193 -17.93 6.48 -2.21
N THR B 194 -18.09 6.94 -3.46
CA THR B 194 -19.16 7.89 -3.76
C THR B 194 -20.53 7.29 -3.44
N MET B 195 -20.78 6.06 -3.92
CA MET B 195 -22.05 5.40 -3.67
C MET B 195 -22.29 5.19 -2.18
N MET B 196 -21.24 4.84 -1.43
CA MET B 196 -21.38 4.66 0.02
C MET B 196 -21.72 5.97 0.71
N GLY B 197 -21.08 7.07 0.29
CA GLY B 197 -21.40 8.36 0.86
C GLY B 197 -22.85 8.75 0.64
N GLU B 198 -23.36 8.52 -0.58
CA GLU B 198 -24.76 8.81 -0.85
C GLU B 198 -25.68 7.89 -0.07
N ARG B 199 -25.30 6.63 0.09
CA ARG B 199 -26.15 5.69 0.82
C ARG B 199 -26.15 6.01 2.31
N LEU B 200 -25.00 6.38 2.86
CA LEU B 200 -24.89 6.65 4.30
C LEU B 200 -25.72 7.87 4.69
N ASN B 201 -25.58 8.96 3.93
CA ASN B 201 -26.41 10.16 4.08
C ASN B 201 -26.38 10.67 5.51
N ASP B 202 -25.16 10.84 6.04
CA ASP B 202 -24.91 11.30 7.39
C ASP B 202 -24.00 12.51 7.30
N THR B 203 -24.47 13.67 7.76
CA THR B 203 -23.67 14.88 7.62
C THR B 203 -22.52 14.95 8.61
N THR B 204 -22.34 13.96 9.48
CA THR B 204 -21.12 13.94 10.31
C THR B 204 -19.97 13.21 9.65
N SER B 205 -20.21 12.53 8.53
CA SER B 205 -19.20 11.68 7.90
C SER B 205 -18.49 12.41 6.77
N VAL B 206 -17.21 12.04 6.58
CA VAL B 206 -16.43 12.58 5.48
C VAL B 206 -17.04 12.16 4.14
N ILE B 207 -17.41 10.89 3.99
CA ILE B 207 -17.78 10.40 2.65
C ILE B 207 -19.11 10.98 2.19
N THR B 208 -20.05 11.24 3.10
CA THR B 208 -21.31 11.84 2.65
C THR B 208 -21.05 13.23 2.07
N TRP B 209 -20.22 14.03 2.73
CA TRP B 209 -19.92 15.37 2.24
C TRP B 209 -19.03 15.33 1.00
N ALA B 210 -18.19 14.30 0.87
CA ALA B 210 -17.39 14.18 -0.36
C ALA B 210 -18.27 13.89 -1.55
N ALA B 211 -19.28 13.03 -1.37
CA ALA B 211 -20.21 12.77 -2.45
C ALA B 211 -21.06 14.00 -2.76
N LYS B 212 -21.48 14.75 -1.73
CA LYS B 212 -22.27 15.95 -1.97
C LYS B 212 -21.49 16.98 -2.79
N ASN B 213 -20.23 17.21 -2.45
CA ASN B 213 -19.43 18.25 -3.08
C ASN B 213 -18.51 17.73 -4.17
N ASN B 214 -18.75 16.50 -4.64
CA ASN B 214 -18.01 15.94 -5.76
C ASN B 214 -16.50 16.00 -5.51
N ILE B 215 -16.12 15.61 -4.31
CA ILE B 215 -14.72 15.45 -3.97
C ILE B 215 -14.42 13.96 -4.04
N THR B 216 -13.58 13.59 -5.01
CA THR B 216 -13.30 12.20 -5.29
C THR B 216 -12.28 11.66 -4.30
N ILE B 217 -12.57 10.48 -3.75
CA ILE B 217 -11.72 9.84 -2.74
C ILE B 217 -11.11 8.59 -3.36
N PHE B 218 -9.78 8.57 -3.46
CA PHE B 218 -9.06 7.42 -3.96
C PHE B 218 -8.60 6.54 -2.79
N CYS B 219 -8.71 5.24 -2.97
CA CYS B 219 -8.30 4.27 -1.95
C CYS B 219 -7.99 2.95 -2.63
N PRO B 220 -6.82 2.82 -3.26
CA PRO B 220 -6.50 1.59 -4.00
C PRO B 220 -6.56 0.33 -3.13
N ALA B 221 -6.30 0.44 -1.83
CA ALA B 221 -6.31 -0.71 -0.96
C ALA B 221 -7.66 -0.90 -0.24
N LEU B 222 -8.75 -0.38 -0.81
CA LEU B 222 -10.07 -0.52 -0.20
C LEU B 222 -10.39 -1.97 0.16
N THR B 223 -10.08 -2.91 -0.74
CA THR B 223 -10.41 -4.30 -0.50
C THR B 223 -9.46 -4.99 0.46
N ASP B 224 -8.44 -4.30 0.96
CA ASP B 224 -7.54 -4.86 1.96
CA ASP B 224 -7.54 -4.86 1.95
C ASP B 224 -8.00 -4.60 3.39
N GLY B 225 -9.09 -3.83 3.56
CA GLY B 225 -9.63 -3.53 4.86
C GLY B 225 -10.92 -4.28 5.15
N LEU B 226 -11.68 -3.75 6.11
CA LEU B 226 -12.92 -4.39 6.54
C LEU B 226 -13.87 -4.61 5.36
N PHE B 227 -13.88 -3.68 4.40
CA PHE B 227 -14.66 -3.88 3.17
C PHE B 227 -14.29 -5.19 2.48
N GLY B 228 -13.00 -5.52 2.42
CA GLY B 228 -12.59 -6.78 1.80
C GLY B 228 -12.97 -7.98 2.64
N THR B 229 -12.86 -7.85 3.97
CA THR B 229 -13.35 -8.92 4.85
C THR B 229 -14.82 -9.22 4.59
N CYS B 230 -15.64 -8.18 4.41
CA CYS B 230 -17.06 -8.40 4.13
C CYS B 230 -17.26 -9.09 2.79
N ILE B 231 -16.43 -8.79 1.80
CA ILE B 231 -16.50 -9.51 0.54
C ILE B 231 -16.19 -10.99 0.77
N THR B 232 -15.17 -11.28 1.57
CA THR B 232 -14.77 -12.66 1.81
C THR B 232 -15.86 -13.44 2.51
N GLU B 233 -16.47 -12.84 3.54
CA GLU B 233 -17.52 -13.52 4.29
C GLU B 233 -18.77 -13.71 3.44
N LEU B 234 -19.15 -12.68 2.67
CA LEU B 234 -20.30 -12.82 1.78
C LEU B 234 -20.10 -13.93 0.77
N ASN B 235 -18.88 -14.06 0.26
CA ASN B 235 -18.63 -15.07 -0.75
C ASN B 235 -18.76 -16.48 -0.18
N GLU B 236 -18.42 -16.66 1.10
CA GLU B 236 -18.51 -17.98 1.71
C GLU B 236 -19.93 -18.52 1.71
N ILE B 237 -20.94 -17.65 1.58
CA ILE B 237 -22.33 -18.04 1.46
C ILE B 237 -22.72 -18.01 -0.01
N ASN B 238 -22.85 -16.79 -0.53
CA ASN B 238 -23.34 -16.49 -1.86
C ASN B 238 -22.19 -15.95 -2.70
N PRO B 239 -21.85 -16.60 -3.81
CA PRO B 239 -20.72 -16.12 -4.63
C PRO B 239 -20.79 -14.62 -4.88
N VAL B 240 -19.70 -13.93 -4.54
CA VAL B 240 -19.63 -12.48 -4.69
C VAL B 240 -19.20 -12.18 -6.12
N ARG B 241 -20.03 -11.45 -6.84
CA ARG B 241 -19.76 -11.09 -8.23
C ARG B 241 -19.23 -9.67 -8.40
N LEU B 242 -19.11 -8.91 -7.31
CA LEU B 242 -18.51 -7.59 -7.38
C LEU B 242 -17.08 -7.69 -7.85
N MET B 243 -16.69 -6.78 -8.75
CA MET B 243 -15.33 -6.65 -9.24
C MET B 243 -14.84 -5.24 -8.97
N VAL B 244 -13.55 -5.11 -8.68
CA VAL B 244 -12.96 -3.82 -8.33
C VAL B 244 -11.78 -3.57 -9.26
N ASP B 245 -11.92 -2.57 -10.12
CA ASP B 245 -10.87 -2.18 -11.04
C ASP B 245 -10.05 -1.03 -10.45
N LEU B 246 -8.73 -1.11 -10.61
CA LEU B 246 -7.83 -0.07 -10.14
C LEU B 246 -7.33 0.83 -11.25
N VAL B 247 -7.42 0.41 -12.52
CA VAL B 247 -6.79 1.19 -13.59
C VAL B 247 -7.53 2.49 -13.81
N GLN B 248 -8.86 2.48 -13.77
CA GLN B 248 -9.62 3.70 -14.02
C GLN B 248 -9.30 4.77 -12.98
N ASP B 249 -9.19 4.38 -11.71
CA ASP B 249 -8.83 5.33 -10.67
C ASP B 249 -7.40 5.84 -10.87
N LEU B 250 -6.49 4.96 -11.28
CA LEU B 250 -5.13 5.38 -11.65
C LEU B 250 -5.17 6.46 -12.73
N ARG B 251 -6.04 6.29 -13.73
CA ARG B 251 -6.13 7.28 -14.80
C ARG B 251 -6.78 8.57 -14.33
N LEU B 252 -7.76 8.50 -13.42
CA LEU B 252 -8.40 9.73 -12.93
C LEU B 252 -7.41 10.61 -12.19
N ILE B 253 -6.70 10.06 -11.22
CA ILE B 253 -5.84 10.90 -10.39
C ILE B 253 -4.67 11.43 -11.20
N ASN B 254 -4.13 10.62 -12.11
CA ASN B 254 -3.01 11.11 -12.92
C ASN B 254 -3.49 12.12 -13.96
N SER B 255 -4.69 11.94 -14.51
CA SER B 255 -5.22 12.97 -15.40
C SER B 255 -5.44 14.28 -14.66
N SER B 256 -5.88 14.20 -13.40
CA SER B 256 -6.18 15.41 -12.65
C SER B 256 -4.91 16.20 -12.35
N THR B 257 -3.80 15.52 -12.04
CA THR B 257 -2.56 16.26 -11.81
C THR B 257 -2.00 16.79 -13.12
N ILE B 258 -2.05 15.98 -14.18
CA ILE B 258 -1.54 16.41 -15.49
C ILE B 258 -2.31 17.63 -15.99
N HIS B 259 -3.62 17.65 -15.80
CA HIS B 259 -4.48 18.66 -16.42
C HIS B 259 -4.80 19.84 -15.51
N SER B 260 -4.23 19.90 -14.30
CA SER B 260 -4.52 21.00 -13.40
C SER B 260 -3.56 22.15 -13.60
N VAL B 261 -4.07 23.37 -13.41
CA VAL B 261 -3.27 24.58 -13.62
C VAL B 261 -2.16 24.68 -12.58
N GLU B 262 -2.46 24.31 -11.34
CA GLU B 262 -1.51 24.39 -10.23
C GLU B 262 -1.89 23.33 -9.20
N THR B 263 -0.88 22.72 -8.58
CA THR B 263 -1.09 21.58 -7.68
C THR B 263 -0.61 21.89 -6.27
N GLY B 264 -1.41 21.49 -5.29
CA GLY B 264 -0.98 21.50 -3.90
C GLY B 264 -1.24 20.15 -3.26
N VAL B 265 -0.33 19.71 -2.42
CA VAL B 265 -0.39 18.39 -1.83
C VAL B 265 -0.15 18.48 -0.33
N ILE B 266 -1.03 17.86 0.45
CA ILE B 266 -0.94 17.79 1.90
C ILE B 266 -1.08 16.33 2.27
N ILE B 267 -0.05 15.77 2.90
CA ILE B 267 -0.03 14.34 3.22
C ILE B 267 0.24 14.18 4.70
N LEU B 268 -0.66 13.52 5.40
CA LEU B 268 -0.53 13.28 6.83
C LEU B 268 -0.29 11.79 7.03
N GLY B 269 0.84 11.46 7.65
CA GLY B 269 1.21 10.08 7.91
C GLY B 269 2.04 9.49 6.79
N GLY B 270 2.55 8.30 7.03
CA GLY B 270 3.43 7.60 6.09
C GLY B 270 2.70 6.46 5.40
N GLY B 271 2.96 6.32 4.11
CA GLY B 271 2.41 5.23 3.32
C GLY B 271 1.14 5.55 2.55
N VAL B 272 0.80 6.82 2.38
CA VAL B 272 -0.47 7.21 1.76
C VAL B 272 -0.33 7.21 0.25
N MET B 273 0.25 8.28 -0.30
CA MET B 273 0.40 8.45 -1.74
C MET B 273 1.84 8.85 -2.05
N LYS B 274 2.21 8.73 -3.33
CA LYS B 274 3.57 9.02 -3.74
C LYS B 274 3.74 10.54 -3.88
N HIS B 275 4.84 11.06 -3.30
CA HIS B 275 5.09 12.49 -3.28
C HIS B 275 5.22 13.05 -4.70
N HIS B 276 5.84 12.31 -5.60
CA HIS B 276 6.07 12.75 -6.97
C HIS B 276 4.82 12.44 -7.80
N ILE B 277 4.07 13.50 -8.11
CA ILE B 277 2.88 13.41 -8.96
C ILE B 277 3.26 13.83 -10.37
N MET B 278 2.68 13.16 -11.36
CA MET B 278 3.07 13.41 -12.75
C MET B 278 2.69 14.84 -13.17
N ASN B 279 3.65 15.54 -13.79
CA ASN B 279 3.42 16.87 -14.30
C ASN B 279 2.70 16.82 -15.65
N ALA B 280 2.35 17.99 -16.16
CA ALA B 280 1.80 18.11 -17.51
C ALA B 280 2.83 17.81 -18.59
N ASN B 281 4.09 17.53 -18.22
CA ASN B 281 5.13 17.14 -19.15
C ASN B 281 5.46 15.65 -19.04
N LEU B 282 4.56 14.86 -18.46
CA LEU B 282 4.75 13.42 -18.29
C LEU B 282 6.01 13.09 -17.49
N MET B 283 6.33 13.94 -16.53
CA MET B 283 7.49 13.75 -15.66
C MET B 283 7.01 13.72 -14.22
N ARG B 284 7.35 12.65 -13.49
CA ARG B 284 6.91 12.48 -12.11
C ARG B 284 7.80 13.33 -11.21
N ASN B 285 7.30 14.52 -10.83
CA ASN B 285 8.01 15.44 -9.95
C ASN B 285 7.09 15.85 -8.80
N GLU B 286 7.68 16.52 -7.82
CA GLU B 286 6.90 17.02 -6.70
C GLU B 286 5.87 18.05 -7.18
N ALA B 287 4.97 18.41 -6.29
CA ALA B 287 3.90 19.36 -6.59
C ALA B 287 4.43 20.78 -6.50
N ASP B 288 3.64 21.73 -7.00
CA ASP B 288 4.01 23.13 -6.88
C ASP B 288 4.10 23.54 -5.41
N PHE B 289 3.16 23.06 -4.60
CA PHE B 289 3.16 23.25 -3.15
C PHE B 289 2.95 21.91 -2.47
N ALA B 290 3.73 21.64 -1.43
CA ALA B 290 3.63 20.35 -0.76
C ALA B 290 3.90 20.51 0.72
N VAL B 291 3.07 19.86 1.53
CA VAL B 291 3.24 19.80 2.98
C VAL B 291 3.15 18.34 3.38
N TYR B 292 4.18 17.84 4.05
CA TYR B 292 4.23 16.46 4.52
C TYR B 292 4.35 16.50 6.03
N ILE B 293 3.47 15.78 6.72
CA ILE B 293 3.44 15.75 8.19
C ILE B 293 3.38 14.29 8.63
N ASN B 294 4.41 13.83 9.33
CA ASN B 294 4.36 12.51 9.94
C ASN B 294 5.45 12.41 11.00
N THR B 295 5.38 11.32 11.78
CA THR B 295 6.34 11.09 12.84
C THR B 295 7.60 10.37 12.36
N ALA B 296 7.61 9.86 11.14
CA ALA B 296 8.81 9.26 10.56
C ALA B 296 9.79 10.36 10.17
N ILE B 319 10.67 22.03 -10.47
CA ILE B 319 12.00 22.46 -10.07
C ILE B 319 11.89 23.61 -9.06
N ASP B 320 10.85 24.42 -9.20
CA ASP B 320 10.54 25.50 -8.28
C ASP B 320 9.53 25.11 -7.20
N SER B 321 9.42 23.82 -6.90
CA SER B 321 8.50 23.37 -5.87
C SER B 321 8.80 24.01 -4.52
N GLU B 322 7.73 24.32 -3.78
CA GLU B 322 7.80 24.85 -2.42
C GLU B 322 7.21 23.82 -1.48
N ASN B 323 8.05 23.18 -0.67
CA ASN B 323 7.60 22.09 0.17
C ASN B 323 8.27 22.14 1.53
N VAL B 324 7.70 21.42 2.48
CA VAL B 324 8.23 21.32 3.83
C VAL B 324 7.82 19.97 4.40
N LYS B 325 8.71 19.38 5.18
CA LYS B 325 8.41 18.19 5.96
C LYS B 325 8.32 18.59 7.43
N VAL B 326 7.21 18.26 8.06
CA VAL B 326 7.01 18.56 9.47
C VAL B 326 7.11 17.25 10.24
N LEU B 327 8.08 17.16 11.14
CA LEU B 327 8.26 15.99 12.00
C LEU B 327 7.43 16.21 13.26
N ALA B 328 6.15 15.86 13.15
CA ALA B 328 5.19 16.02 14.25
C ALA B 328 4.05 15.04 14.03
N GLU B 329 3.23 14.88 15.07
CA GLU B 329 2.04 14.05 15.00
C GLU B 329 0.85 14.89 14.53
N ALA B 330 0.19 14.43 13.47
CA ALA B 330 -0.79 15.26 12.77
C ALA B 330 -2.00 15.58 13.64
N SER B 331 -2.49 14.62 14.42
CA SER B 331 -3.70 14.88 15.20
C SER B 331 -3.49 15.99 16.23
N LEU B 332 -2.24 16.33 16.56
CA LEU B 332 -1.95 17.42 17.46
C LEU B 332 -1.67 18.73 16.72
N VAL B 333 -0.84 18.68 15.68
CA VAL B 333 -0.43 19.89 14.99
CA VAL B 333 -0.44 19.91 15.00
C VAL B 333 -1.38 20.28 13.85
N PHE B 334 -2.00 19.31 13.19
CA PHE B 334 -2.82 19.67 12.03
C PHE B 334 -4.03 20.51 12.40
N PRO B 335 -4.77 20.24 13.48
CA PRO B 335 -5.87 21.17 13.83
C PRO B 335 -5.35 22.58 14.09
N LEU B 336 -4.17 22.70 14.68
CA LEU B 336 -3.56 24.01 14.86
C LEU B 336 -3.27 24.66 13.53
N ILE B 337 -2.76 23.88 12.56
CA ILE B 337 -2.47 24.42 11.25
C ILE B 337 -3.76 24.83 10.53
N VAL B 338 -4.80 24.01 10.66
CA VAL B 338 -6.09 24.34 10.05
C VAL B 338 -6.61 25.68 10.57
N SER B 339 -6.46 25.92 11.88
CA SER B 339 -6.97 27.16 12.46
C SER B 339 -6.27 28.39 11.90
N LYS B 340 -5.05 28.25 11.39
CA LYS B 340 -4.30 29.36 10.80
C LYS B 340 -4.35 29.37 9.28
N THR B 341 -5.07 28.42 8.66
CA THR B 341 -5.14 28.35 7.21
C THR B 341 -6.58 28.16 6.72
N PHE B 342 -7.02 26.90 6.63
CA PHE B 342 -8.34 26.62 6.04
C PHE B 342 -9.48 27.33 6.75
N ALA B 343 -9.35 27.57 8.06
CA ALA B 343 -10.45 28.13 8.83
C ALA B 343 -10.52 29.65 8.74
N VAL B 344 -9.48 30.32 8.25
CA VAL B 344 -9.48 31.78 8.15
C VAL B 344 -9.21 32.29 6.74
N THR B 345 -8.59 31.52 5.86
CA THR B 345 -8.18 32.02 4.55
C THR B 345 -9.24 31.65 3.53
N LYS B 346 -9.77 32.65 2.83
CA LYS B 346 -10.74 32.38 1.77
C LYS B 346 -10.03 31.73 0.58
N ARG B 347 -10.61 30.65 0.06
CA ARG B 347 -10.02 29.96 -1.08
C ARG B 347 -10.42 30.64 -2.37
N PHE B 348 -9.42 30.92 -3.22
CA PHE B 348 -9.69 31.53 -4.52
C PHE B 348 -10.60 30.62 -5.34
N ASP B 349 -11.60 31.22 -5.97
CA ASP B 349 -12.59 30.42 -6.70
C ASP B 349 -12.13 30.05 -8.10
N GLY B 350 -11.04 30.61 -8.58
CA GLY B 350 -10.52 30.27 -9.88
C GLY B 350 -11.23 30.91 -11.05
N LYS B 351 -12.25 31.74 -10.79
CA LYS B 351 -12.99 32.43 -11.84
C LYS B 351 -12.25 33.72 -12.16
N ILE B 352 -11.69 33.80 -13.37
CA ILE B 352 -10.90 34.95 -13.78
C ILE B 352 -11.58 35.68 -14.91
#